data_6M69
#
_entry.id   6M69
#
_cell.length_a   192.650
_cell.length_b   37.080
_cell.length_c   44.800
_cell.angle_alpha   90.000
_cell.angle_beta   90.000
_cell.angle_gamma   90.000
#
_symmetry.space_group_name_H-M   'P 21 21 2'
#
loop_
_entity.id
_entity.type
_entity.pdbx_description
1 polymer 'Hydrolase, NUDIX family protein'
2 non-polymer "GUANOSINE-5'-DIPHOSPHATE"
3 non-polymer 'PYROPHOSPHATE 2-'
4 non-polymer 1,2-ETHANEDIOL
5 non-polymer 'MAGNESIUM ION'
6 water water
#
_entity_poly.entity_id   1
_entity_poly.type   'polypeptide(L)'
_entity_poly.pdbx_seq_one_letter_code
;MGSSHHHHHHSSGLVPRGSHMMPVDDLQEIPLSKDTTEKSKHTVRAAGAVLWRDASEHGGTTGHPATVEVAVIHRPRYDD
WSLPKGKLDQGETEPVAAAREIHEETGHTAVLGRRLGRVTYPIPQGTKRVWYWAAKSTGGDFSPNDEVDKLVWLPVDAAM
DQLQYPDDRKVLRRFVKRPVDTKTVLVVRHGTAGRRSRYKGDDRKRPLDKRGRAQAEALVAQLMAFGATTLYAADRVRCH
QTIEPLAQELDQLIHNEPLLTEEAYAADHKAARKRLLEIAGRPGNPVICTQGKVIPGLIEWWCERAKVRPETTGNRKGST
WVLSLSDGELVGADYLSPPDEK
;
_entity_poly.pdbx_strand_id   A
#
loop_
_chem_comp.id
_chem_comp.type
_chem_comp.name
_chem_comp.formula
EDO non-polymer 1,2-ETHANEDIOL 'C2 H6 O2'
GDP RNA linking GUANOSINE-5'-DIPHOSPHATE 'C10 H15 N5 O11 P2'
MG non-polymer 'MAGNESIUM ION' 'Mg 2'
POP non-polymer 'PYROPHOSPHATE 2-' 'H2 O7 P2 -2'
#
# COMPACT_ATOMS: atom_id res chain seq x y z
N HIS A 42 11.89 20.97 12.42
CA HIS A 42 10.71 20.07 12.35
C HIS A 42 10.79 19.23 11.07
N THR A 43 10.05 18.15 11.08
CA THR A 43 9.95 17.14 9.99
C THR A 43 8.54 17.10 9.38
N VAL A 44 8.43 17.35 8.08
CA VAL A 44 7.11 17.33 7.38
C VAL A 44 6.97 16.01 6.61
N ARG A 45 5.93 15.24 6.90
CA ARG A 45 5.69 13.94 6.23
C ARG A 45 4.90 14.21 4.97
N ALA A 46 5.39 13.61 3.89
CA ALA A 46 4.79 13.75 2.57
C ALA A 46 4.80 12.38 1.89
N ALA A 47 4.10 12.34 0.78
CA ALA A 47 4.03 11.13 -0.06
C ALA A 47 3.91 11.56 -1.51
N GLY A 48 4.43 10.72 -2.39
CA GLY A 48 4.22 10.95 -3.82
C GLY A 48 4.34 9.71 -4.63
N ALA A 49 4.45 9.87 -5.93
CA ALA A 49 4.39 8.72 -6.83
C ALA A 49 5.16 8.95 -8.10
N VAL A 50 5.59 7.87 -8.67
CA VAL A 50 5.85 7.77 -10.12
C VAL A 50 4.56 7.29 -10.75
N LEU A 51 3.75 8.24 -11.27
CA LEU A 51 2.54 7.91 -12.04
C LEU A 51 2.97 7.45 -13.40
N TRP A 52 2.45 6.35 -13.86
CA TRP A 52 2.83 5.78 -15.17
C TRP A 52 1.55 5.34 -15.88
N ARG A 53 1.67 5.22 -17.20
CA ARG A 53 0.54 4.71 -18.01
C ARG A 53 1.13 3.79 -19.04
N ASP A 54 0.23 2.95 -19.53
CA ASP A 54 0.49 2.06 -20.66
C ASP A 54 -0.01 2.84 -21.88
N ALA A 55 0.92 3.39 -22.62
CA ALA A 55 0.58 4.16 -23.81
C ALA A 55 0.14 3.21 -24.93
N THR A 67 3.55 -0.41 -22.81
CA THR A 67 4.51 0.66 -23.19
C THR A 67 4.48 1.72 -22.10
N VAL A 68 5.55 1.78 -21.33
CA VAL A 68 5.51 2.58 -20.08
C VAL A 68 5.91 4.02 -20.40
N GLU A 69 5.07 4.96 -20.04
CA GLU A 69 5.42 6.39 -19.98
C GLU A 69 5.18 6.84 -18.55
N VAL A 70 5.99 7.79 -18.11
CA VAL A 70 5.85 8.35 -16.75
C VAL A 70 5.45 9.83 -16.87
N ALA A 71 4.65 10.28 -15.93
CA ALA A 71 4.16 11.65 -15.86
C ALA A 71 5.22 12.49 -15.17
N VAL A 72 5.57 13.62 -15.77
CA VAL A 72 6.43 14.63 -15.09
C VAL A 72 5.64 15.94 -15.05
N ILE A 73 5.54 16.59 -13.92
CA ILE A 73 4.72 17.78 -13.70
C ILE A 73 5.58 19.03 -13.58
N HIS A 74 5.08 20.13 -14.14
CA HIS A 74 5.72 21.45 -14.07
C HIS A 74 4.95 22.31 -13.11
N ARG A 75 5.67 22.87 -12.15
CA ARG A 75 5.10 23.78 -11.15
C ARG A 75 5.65 25.17 -11.49
N PRO A 76 4.81 26.11 -11.91
CA PRO A 76 5.34 27.40 -12.36
C PRO A 76 5.87 28.28 -11.22
N ARG A 77 5.41 28.06 -9.99
CA ARG A 77 5.90 28.89 -8.87
C ARG A 77 7.43 28.79 -8.79
N TYR A 78 7.97 27.58 -8.84
CA TYR A 78 9.41 27.33 -8.79
C TYR A 78 9.99 27.21 -10.20
N ASP A 79 9.14 26.91 -11.19
CA ASP A 79 9.61 26.64 -12.56
C ASP A 79 10.52 25.43 -12.53
N ASP A 80 9.92 24.29 -12.22
CA ASP A 80 10.69 23.05 -12.27
C ASP A 80 9.80 21.86 -12.62
N TRP A 81 10.45 20.78 -12.98
CA TRP A 81 9.79 19.51 -13.39
C TRP A 81 10.04 18.46 -12.32
N SER A 82 8.96 17.83 -11.84
CA SER A 82 9.15 16.88 -10.73
C SER A 82 8.12 15.74 -10.78
N LEU A 83 8.18 14.90 -9.77
CA LEU A 83 7.16 13.85 -9.59
C LEU A 83 6.09 14.36 -8.67
N PRO A 84 4.82 13.96 -8.89
CA PRO A 84 3.75 14.37 -8.00
C PRO A 84 3.98 13.93 -6.53
N LYS A 85 3.76 14.85 -5.62
CA LYS A 85 3.87 14.61 -4.15
C LYS A 85 3.20 15.71 -3.38
N GLY A 86 2.92 15.47 -2.10
CA GLY A 86 2.47 16.52 -1.21
C GLY A 86 2.40 16.07 0.22
N LYS A 87 2.06 17.00 1.10
CA LYS A 87 2.09 16.70 2.55
C LYS A 87 0.84 15.91 2.97
N LEU A 88 1.05 15.08 3.97
CA LEU A 88 -0.08 14.32 4.53
C LEU A 88 -1.01 15.28 5.27
N ASP A 89 -2.31 15.10 5.10
CA ASP A 89 -3.35 15.79 5.90
C ASP A 89 -3.44 15.12 7.27
N GLN A 90 -4.12 15.77 8.20
CA GLN A 90 -4.30 15.19 9.52
C GLN A 90 -5.06 13.87 9.40
N GLY A 91 -4.57 12.81 10.06
CA GLY A 91 -5.24 11.49 10.05
C GLY A 91 -5.03 10.68 8.77
N GLU A 92 -4.27 11.20 7.78
CA GLU A 92 -4.08 10.54 6.48
C GLU A 92 -2.87 9.59 6.56
N THR A 93 -2.95 8.43 5.93
CA THR A 93 -1.77 7.54 5.75
C THR A 93 -1.04 7.95 4.46
N GLU A 94 0.23 7.59 4.38
CA GLU A 94 1.06 7.92 3.21
C GLU A 94 0.39 7.45 1.92
N PRO A 95 -0.04 6.18 1.77
CA PRO A 95 -0.60 5.75 0.48
C PRO A 95 -1.82 6.58 0.05
N VAL A 96 -2.69 6.90 1.01
CA VAL A 96 -3.91 7.67 0.68
C VAL A 96 -3.48 9.09 0.27
N ALA A 97 -2.47 9.66 0.95
CA ALA A 97 -1.98 10.99 0.53
C ALA A 97 -1.40 10.91 -0.89
N ALA A 98 -0.63 9.89 -1.20
CA ALA A 98 0.01 9.73 -2.54
C ALA A 98 -1.09 9.70 -3.60
N ALA A 99 -2.14 8.93 -3.37
CA ALA A 99 -3.22 8.82 -4.37
C ALA A 99 -3.96 10.16 -4.49
N ARG A 100 -4.17 10.85 -3.39
CA ARG A 100 -4.86 12.16 -3.43
C ARG A 100 -4.01 13.17 -4.19
N GLU A 101 -2.73 13.20 -3.91
CA GLU A 101 -1.83 14.17 -4.59
C GLU A 101 -1.77 13.88 -6.10
N ILE A 102 -1.72 12.60 -6.46
CA ILE A 102 -1.76 12.23 -7.88
C ILE A 102 -3.02 12.88 -8.47
N HIS A 103 -4.17 12.71 -7.84
CA HIS A 103 -5.44 13.21 -8.41
C HIS A 103 -5.44 14.75 -8.43
N GLU A 104 -4.95 15.40 -7.38
CA GLU A 104 -4.94 16.88 -7.31
C GLU A 104 -3.96 17.51 -8.31
N GLU A 105 -2.80 16.89 -8.51
CA GLU A 105 -1.73 17.51 -9.33
C GLU A 105 -1.81 17.07 -10.77
N THR A 106 -2.33 15.88 -11.06
CA THR A 106 -2.30 15.33 -12.43
C THR A 106 -3.69 15.16 -13.02
N GLY A 107 -4.72 15.11 -12.19
CA GLY A 107 -6.09 14.83 -12.68
C GLY A 107 -6.40 13.37 -12.88
N HIS A 108 -5.41 12.48 -12.67
CA HIS A 108 -5.56 11.04 -12.92
C HIS A 108 -5.99 10.33 -11.64
N THR A 109 -6.80 9.31 -11.82
CA THR A 109 -6.98 8.25 -10.81
C THR A 109 -5.88 7.23 -11.05
N ALA A 110 -5.42 6.55 -9.98
CA ALA A 110 -4.35 5.57 -10.10
C ALA A 110 -4.51 4.51 -9.03
N VAL A 111 -3.83 3.40 -9.26
CA VAL A 111 -3.70 2.29 -8.29
CA VAL A 111 -3.70 2.30 -8.28
C VAL A 111 -2.23 2.19 -7.90
N LEU A 112 -1.94 2.29 -6.61
CA LEU A 112 -0.56 2.19 -6.11
C LEU A 112 -0.10 0.74 -6.17
N GLY A 113 1.19 0.56 -6.46
CA GLY A 113 1.85 -0.75 -6.49
C GLY A 113 3.04 -0.75 -5.55
N ARG A 114 4.21 -1.04 -6.08
CA ARG A 114 5.47 -1.12 -5.30
C ARG A 114 5.84 0.23 -4.67
N ARG A 115 6.34 0.15 -3.45
CA ARG A 115 6.94 1.32 -2.78
C ARG A 115 8.35 1.50 -3.37
N LEU A 116 8.75 2.74 -3.55
CA LEU A 116 10.01 3.12 -4.23
C LEU A 116 10.92 3.89 -3.29
N GLY A 117 10.85 3.59 -2.00
CA GLY A 117 11.77 4.28 -1.09
C GLY A 117 11.33 5.66 -0.66
N ARG A 118 12.24 6.35 0.01
CA ARG A 118 11.95 7.65 0.67
C ARG A 118 13.02 8.67 0.26
N VAL A 119 12.62 9.93 0.20
N VAL A 119 12.62 9.93 0.24
CA VAL A 119 13.63 10.99 -0.04
CA VAL A 119 13.56 11.03 -0.08
C VAL A 119 13.43 12.06 1.02
C VAL A 119 13.42 12.09 1.02
N THR A 120 14.56 12.51 1.53
CA THR A 120 14.60 13.55 2.56
C THR A 120 15.24 14.78 1.92
N TYR A 121 14.63 15.94 2.07
CA TYR A 121 15.23 17.22 1.60
C TYR A 121 15.04 18.29 2.66
N PRO A 122 16.01 19.24 2.78
CA PRO A 122 15.90 20.35 3.73
C PRO A 122 14.83 21.37 3.29
N ILE A 123 14.07 21.91 4.24
CA ILE A 123 13.14 23.05 3.99
C ILE A 123 13.30 24.06 5.12
N PRO A 124 12.87 25.33 4.93
CA PRO A 124 13.11 26.35 5.93
C PRO A 124 12.74 25.90 7.33
N GLN A 125 11.60 25.23 7.49
CA GLN A 125 11.12 24.76 8.81
C GLN A 125 11.89 23.54 9.33
N GLY A 126 12.71 22.90 8.48
CA GLY A 126 13.54 21.75 8.86
C GLY A 126 13.72 20.74 7.74
N THR A 127 12.98 19.63 7.84
CA THR A 127 13.12 18.47 6.92
C THR A 127 11.77 18.06 6.37
N LYS A 128 11.76 17.72 5.09
CA LYS A 128 10.62 17.04 4.45
C LYS A 128 11.03 15.63 4.06
N ARG A 129 10.20 14.67 4.44
N ARG A 129 10.23 14.65 4.44
CA ARG A 129 10.42 13.25 4.14
CA ARG A 129 10.48 13.24 4.09
C ARG A 129 9.27 12.78 3.24
C ARG A 129 9.29 12.74 3.25
N VAL A 130 9.60 12.19 2.10
CA VAL A 130 8.57 11.77 1.12
C VAL A 130 8.75 10.30 0.87
N TRP A 131 7.70 9.51 1.11
CA TRP A 131 7.64 8.11 0.62
C TRP A 131 7.00 8.09 -0.77
N TYR A 132 7.57 7.32 -1.67
CA TYR A 132 7.09 7.25 -3.07
C TYR A 132 6.55 5.86 -3.39
N TRP A 133 5.55 5.81 -4.28
CA TRP A 133 4.96 4.57 -4.81
C TRP A 133 4.95 4.65 -6.32
N ALA A 134 5.13 3.51 -6.95
CA ALA A 134 4.70 3.31 -8.35
C ALA A 134 3.17 3.38 -8.42
N ALA A 135 2.59 4.03 -9.41
CA ALA A 135 1.13 4.23 -9.48
C ALA A 135 0.69 4.16 -10.92
N LYS A 136 -0.11 3.15 -11.26
CA LYS A 136 -0.58 3.02 -12.64
C LYS A 136 -1.84 3.85 -12.81
N SER A 137 -1.84 4.69 -13.84
CA SER A 137 -3.04 5.49 -14.16
C SER A 137 -4.21 4.58 -14.50
N THR A 138 -5.38 4.91 -13.97
CA THR A 138 -6.58 4.10 -14.28
C THR A 138 -7.65 4.98 -14.93
N GLY A 139 -7.38 6.26 -15.05
CA GLY A 139 -8.39 7.13 -15.65
C GLY A 139 -8.09 8.58 -15.37
N GLY A 140 -9.04 9.42 -15.74
CA GLY A 140 -8.88 10.86 -15.57
C GLY A 140 -8.04 11.44 -16.69
N ASP A 141 -7.54 12.62 -16.44
CA ASP A 141 -6.91 13.46 -17.51
C ASP A 141 -6.36 14.70 -16.84
N PHE A 142 -5.39 15.31 -17.50
CA PHE A 142 -4.72 16.52 -16.96
C PHE A 142 -5.38 17.80 -17.47
N SER A 143 -5.79 18.63 -16.52
CA SER A 143 -6.13 20.06 -16.76
CA SER A 143 -6.14 20.05 -16.75
C SER A 143 -5.32 20.90 -15.79
N PRO A 144 -4.84 22.09 -16.22
CA PRO A 144 -4.02 22.90 -15.31
C PRO A 144 -4.76 23.19 -14.00
N ASN A 145 -3.98 23.23 -12.91
CA ASN A 145 -4.48 23.39 -11.52
C ASN A 145 -3.61 24.35 -10.71
N ASP A 146 -3.88 24.40 -9.42
CA ASP A 146 -3.18 25.39 -8.56
C ASP A 146 -1.68 25.14 -8.60
N GLU A 147 -1.25 23.89 -8.56
CA GLU A 147 0.20 23.63 -8.43
C GLU A 147 0.85 23.42 -9.79
N VAL A 148 0.08 22.90 -10.74
CA VAL A 148 0.70 22.39 -11.99
C VAL A 148 0.08 23.01 -13.23
N ASP A 149 0.91 23.54 -14.12
CA ASP A 149 0.37 24.11 -15.39
C ASP A 149 0.63 23.18 -16.58
N LYS A 150 1.51 22.20 -16.49
CA LYS A 150 1.92 21.35 -17.60
C LYS A 150 2.19 19.95 -17.04
N LEU A 151 1.85 18.94 -17.79
CA LEU A 151 2.23 17.56 -17.50
C LEU A 151 2.69 16.96 -18.81
N VAL A 152 3.79 16.26 -18.80
CA VAL A 152 4.30 15.53 -19.99
CA VAL A 152 4.26 15.54 -20.00
C VAL A 152 4.40 14.06 -19.63
N TRP A 153 4.05 13.23 -20.58
CA TRP A 153 4.19 11.77 -20.52
C TRP A 153 5.43 11.41 -21.31
N LEU A 154 6.39 10.79 -20.67
CA LEU A 154 7.72 10.51 -21.29
C LEU A 154 8.13 9.08 -21.03
N PRO A 155 8.84 8.42 -21.95
CA PRO A 155 9.55 7.21 -21.62
C PRO A 155 10.56 7.50 -20.49
N VAL A 156 10.86 6.48 -19.70
CA VAL A 156 11.71 6.64 -18.50
C VAL A 156 13.03 7.37 -18.81
N ASP A 157 13.67 7.04 -19.92
CA ASP A 157 14.98 7.70 -20.23
C ASP A 157 14.81 9.22 -20.39
N ALA A 158 13.83 9.64 -21.14
CA ALA A 158 13.53 11.07 -21.36
C ALA A 158 13.04 11.73 -20.06
N ALA A 159 12.22 11.03 -19.28
CA ALA A 159 11.77 11.59 -17.99
C ALA A 159 12.97 11.86 -17.06
N MET A 160 13.96 10.97 -17.05
CA MET A 160 15.19 11.10 -16.23
C MET A 160 15.87 12.44 -16.56
N ASP A 161 15.96 12.78 -17.85
CA ASP A 161 16.60 14.04 -18.33
C ASP A 161 15.73 15.25 -17.99
N GLN A 162 14.43 15.06 -17.86
CA GLN A 162 13.53 16.19 -17.66
C GLN A 162 13.50 16.62 -16.19
N LEU A 163 13.69 15.65 -15.27
CA LEU A 163 13.54 15.93 -13.83
C LEU A 163 14.58 16.93 -13.30
N GLN A 164 14.13 17.81 -12.45
CA GLN A 164 15.06 18.77 -11.82
C GLN A 164 15.97 18.13 -10.74
N TYR A 165 15.43 17.24 -9.92
CA TYR A 165 16.09 16.90 -8.65
C TYR A 165 16.78 15.54 -8.74
N PRO A 166 18.06 15.48 -8.34
CA PRO A 166 18.75 14.20 -8.23
C PRO A 166 17.96 13.09 -7.51
N ASP A 167 17.29 13.43 -6.41
CA ASP A 167 16.55 12.42 -5.63
C ASP A 167 15.30 11.94 -6.38
N ASP A 168 14.72 12.79 -7.22
CA ASP A 168 13.62 12.26 -8.08
C ASP A 168 14.18 11.29 -9.12
N ARG A 169 15.39 11.54 -9.60
CA ARG A 169 15.99 10.61 -10.57
C ARG A 169 16.31 9.29 -9.86
N LYS A 170 16.75 9.36 -8.61
CA LYS A 170 17.00 8.11 -7.84
C LYS A 170 15.67 7.33 -7.71
N VAL A 171 14.56 8.01 -7.45
CA VAL A 171 13.26 7.31 -7.35
C VAL A 171 12.93 6.66 -8.70
N LEU A 172 13.16 7.36 -9.80
CA LEU A 172 12.79 6.80 -11.10
C LEU A 172 13.72 5.64 -11.46
N ARG A 173 14.97 5.77 -11.03
CA ARG A 173 15.87 4.59 -11.15
CA ARG A 173 15.87 4.59 -11.15
C ARG A 173 15.43 3.27 -10.39
N ARG A 174 14.78 3.52 -9.25
CA ARG A 174 14.26 2.40 -8.45
C ARG A 174 13.01 1.84 -9.14
N PHE A 175 12.23 2.73 -9.71
CA PHE A 175 11.02 2.33 -10.46
C PHE A 175 11.38 1.37 -11.59
N VAL A 176 12.38 1.70 -12.38
CA VAL A 176 12.69 0.88 -13.60
C VAL A 176 13.46 -0.38 -13.23
N LYS A 177 14.05 -0.44 -12.05
CA LYS A 177 14.87 -1.58 -11.59
C LYS A 177 14.05 -2.89 -11.50
N ARG A 178 12.75 -2.79 -11.36
CA ARG A 178 11.94 -4.03 -11.28
C ARG A 178 10.61 -3.83 -12.02
N PRO A 179 9.85 -4.90 -12.32
CA PRO A 179 8.56 -4.75 -12.97
C PRO A 179 7.65 -3.75 -12.25
N VAL A 180 6.86 -3.03 -13.02
CA VAL A 180 5.90 -2.03 -12.46
C VAL A 180 4.46 -2.48 -12.72
N ASP A 181 4.19 -3.38 -13.66
CA ASP A 181 2.80 -3.78 -13.98
C ASP A 181 2.42 -4.94 -13.06
N THR A 182 2.27 -4.66 -11.76
CA THR A 182 2.30 -5.72 -10.75
C THR A 182 0.89 -5.96 -10.28
N LYS A 183 0.72 -7.11 -9.68
CA LYS A 183 -0.51 -7.34 -8.89
C LYS A 183 -0.08 -7.34 -7.42
N THR A 184 -1.07 -7.28 -6.58
CA THR A 184 -0.81 -6.98 -5.17
C THR A 184 -1.60 -7.89 -4.26
N VAL A 185 -0.91 -8.45 -3.30
CA VAL A 185 -1.50 -9.21 -2.18
C VAL A 185 -1.33 -8.37 -0.93
N LEU A 186 -2.41 -8.11 -0.24
CA LEU A 186 -2.37 -7.21 0.94
C LEU A 186 -2.58 -8.04 2.19
N VAL A 187 -1.53 -8.25 2.96
CA VAL A 187 -1.65 -9.08 4.18
C VAL A 187 -1.82 -8.19 5.40
N VAL A 188 -2.94 -8.26 6.06
CA VAL A 188 -3.34 -7.30 7.13
C VAL A 188 -3.43 -8.06 8.43
N ARG A 189 -2.75 -7.53 9.42
CA ARG A 189 -3.01 -8.07 10.77
C ARG A 189 -4.30 -7.40 11.30
N HIS A 190 -5.20 -8.19 11.89
CA HIS A 190 -6.46 -7.65 12.41
C HIS A 190 -6.19 -6.52 13.40
N GLY A 191 -7.20 -5.67 13.55
CA GLY A 191 -7.15 -4.52 14.45
C GLY A 191 -7.19 -4.93 15.93
N THR A 192 -7.06 -3.94 16.78
CA THR A 192 -7.01 -4.19 18.24
C THR A 192 -8.34 -4.78 18.73
N ALA A 193 -8.23 -5.75 19.65
CA ALA A 193 -9.37 -6.61 20.01
C ALA A 193 -9.29 -6.96 21.49
N GLY A 194 -8.67 -6.09 22.28
CA GLY A 194 -8.61 -6.31 23.74
C GLY A 194 -7.69 -7.46 24.08
N ARG A 195 -7.88 -8.02 25.27
CA ARG A 195 -6.99 -9.07 25.80
C ARG A 195 -7.67 -10.45 25.79
N ARG A 196 -6.92 -11.50 25.47
CA ARG A 196 -7.47 -12.88 25.50
C ARG A 196 -7.88 -13.23 26.92
N SER A 197 -7.06 -12.81 27.88
CA SER A 197 -7.17 -13.16 29.33
C SER A 197 -8.37 -12.50 30.03
N ARG A 198 -8.73 -11.31 29.57
CA ARG A 198 -9.87 -10.58 30.13
C ARG A 198 -11.15 -10.90 29.34
N TYR A 199 -11.13 -11.89 28.44
CA TYR A 199 -12.34 -12.15 27.61
C TYR A 199 -13.12 -13.39 28.07
N LYS A 200 -14.44 -13.32 28.26
CA LYS A 200 -15.18 -14.51 28.75
C LYS A 200 -15.92 -15.17 27.59
N GLY A 201 -15.57 -16.42 27.28
CA GLY A 201 -16.21 -17.17 26.17
C GLY A 201 -15.20 -17.60 25.12
N ASP A 202 -15.67 -18.23 24.05
CA ASP A 202 -14.77 -18.70 22.96
C ASP A 202 -13.90 -17.54 22.48
N ASP A 203 -12.58 -17.69 22.59
CA ASP A 203 -11.62 -16.63 22.17
C ASP A 203 -11.80 -16.36 20.67
N ARG A 204 -12.22 -17.36 19.92
CA ARG A 204 -12.44 -17.21 18.46
C ARG A 204 -13.46 -16.11 18.16
N LYS A 205 -14.36 -15.85 19.09
CA LYS A 205 -15.43 -14.86 18.87
C LYS A 205 -15.06 -13.47 19.44
N ARG A 206 -13.88 -13.33 20.00
CA ARG A 206 -13.48 -12.05 20.62
C ARG A 206 -13.52 -10.95 19.55
N PRO A 207 -14.30 -9.86 19.73
CA PRO A 207 -14.47 -8.86 18.70
C PRO A 207 -13.43 -7.74 18.83
N LEU A 208 -13.34 -6.96 17.75
CA LEU A 208 -12.54 -5.74 17.76
C LEU A 208 -13.06 -4.88 18.91
N ASP A 209 -12.15 -4.11 19.51
CA ASP A 209 -12.55 -3.03 20.43
C ASP A 209 -12.78 -1.74 19.68
N LYS A 210 -13.12 -0.68 20.39
CA LYS A 210 -13.43 0.60 19.69
C LYS A 210 -12.28 1.04 18.77
N ARG A 211 -11.07 1.03 19.30
CA ARG A 211 -9.90 1.44 18.51
C ARG A 211 -9.81 0.52 17.30
N GLY A 212 -10.03 -0.78 17.47
CA GLY A 212 -9.85 -1.73 16.33
C GLY A 212 -10.93 -1.50 15.29
N ARG A 213 -12.11 -1.20 15.79
CA ARG A 213 -13.17 -0.76 14.84
CA ARG A 213 -13.16 -0.77 14.84
C ARG A 213 -12.87 0.49 13.92
N ALA A 214 -12.20 1.43 14.60
CA ALA A 214 -11.70 2.66 13.94
C ALA A 214 -10.61 2.28 12.95
N GLN A 215 -9.74 1.36 13.33
CA GLN A 215 -8.66 0.89 12.43
C GLN A 215 -9.30 0.25 11.20
N ALA A 216 -10.32 -0.58 11.39
CA ALA A 216 -10.99 -1.28 10.28
C ALA A 216 -11.54 -0.24 9.31
N GLU A 217 -12.18 0.81 9.85
CA GLU A 217 -12.77 1.86 8.99
C GLU A 217 -11.65 2.61 8.24
N ALA A 218 -10.53 2.84 8.89
CA ALA A 218 -9.43 3.64 8.30
C ALA A 218 -8.64 2.83 7.28
N LEU A 219 -8.78 1.51 7.37
CA LEU A 219 -8.13 0.60 6.39
C LEU A 219 -8.86 0.64 5.04
N VAL A 220 -10.12 1.07 4.96
CA VAL A 220 -10.82 1.05 3.64
C VAL A 220 -10.05 1.91 2.65
N ALA A 221 -9.73 3.15 3.01
CA ALA A 221 -9.07 4.07 2.05
C ALA A 221 -7.68 3.55 1.74
N GLN A 222 -7.01 3.00 2.73
CA GLN A 222 -5.64 2.54 2.50
CA GLN A 222 -5.64 2.43 2.64
C GLN A 222 -5.65 1.32 1.58
N LEU A 223 -6.54 0.36 1.77
CA LEU A 223 -6.51 -0.84 0.91
C LEU A 223 -7.09 -0.54 -0.47
N MET A 224 -8.02 0.40 -0.56
N MET A 224 -8.01 0.40 -0.56
CA MET A 224 -8.58 0.79 -1.87
CA MET A 224 -8.55 0.78 -1.89
C MET A 224 -7.48 1.52 -2.67
C MET A 224 -7.48 1.53 -2.68
N ALA A 225 -6.54 2.17 -2.01
CA ALA A 225 -5.45 2.89 -2.72
C ALA A 225 -4.66 1.86 -3.55
N PHE A 226 -4.59 0.61 -3.09
CA PHE A 226 -3.84 -0.48 -3.75
C PHE A 226 -4.77 -1.32 -4.63
N GLY A 227 -6.00 -0.89 -4.85
CA GLY A 227 -6.87 -1.63 -5.77
C GLY A 227 -7.27 -3.00 -5.26
N ALA A 228 -7.52 -3.11 -3.95
CA ALA A 228 -8.02 -4.36 -3.37
C ALA A 228 -9.28 -4.78 -4.13
N THR A 229 -9.44 -6.06 -4.43
CA THR A 229 -10.70 -6.50 -5.10
C THR A 229 -11.33 -7.72 -4.44
N THR A 230 -10.55 -8.57 -3.78
CA THR A 230 -11.09 -9.83 -3.22
C THR A 230 -10.63 -9.97 -1.78
N LEU A 231 -11.41 -10.63 -0.93
CA LEU A 231 -11.27 -10.54 0.53
C LEU A 231 -11.25 -11.93 1.16
N TYR A 232 -10.31 -12.15 2.04
CA TYR A 232 -10.07 -13.41 2.74
C TYR A 232 -9.74 -13.09 4.20
N ALA A 233 -10.22 -13.91 5.12
CA ALA A 233 -9.96 -13.67 6.56
C ALA A 233 -9.82 -15.02 7.25
N ALA A 234 -8.82 -15.10 8.09
CA ALA A 234 -8.67 -16.24 9.01
C ALA A 234 -9.99 -16.39 9.75
N ASP A 235 -10.24 -17.63 10.15
CA ASP A 235 -11.48 -18.04 10.83
C ASP A 235 -11.56 -17.51 12.26
N ARG A 236 -11.44 -16.20 12.45
CA ARG A 236 -11.57 -15.55 13.78
C ARG A 236 -12.45 -14.32 13.57
N VAL A 237 -13.38 -14.02 14.45
CA VAL A 237 -14.29 -12.86 14.33
C VAL A 237 -13.42 -11.60 14.14
N ARG A 238 -12.40 -11.39 14.94
CA ARG A 238 -11.60 -10.14 14.90
C ARG A 238 -10.94 -9.95 13.52
N CYS A 239 -10.62 -11.02 12.83
CA CYS A 239 -10.07 -10.93 11.43
C CYS A 239 -11.18 -10.53 10.48
N HIS A 240 -12.34 -11.15 10.59
N HIS A 240 -12.33 -11.14 10.60
CA HIS A 240 -13.45 -10.77 9.68
CA HIS A 240 -13.48 -10.81 9.70
C HIS A 240 -13.87 -9.32 9.90
C HIS A 240 -13.90 -9.35 9.90
N GLN A 241 -13.90 -8.90 11.14
CA GLN A 241 -14.41 -7.55 11.45
C GLN A 241 -13.45 -6.48 10.92
N THR A 242 -12.17 -6.81 10.86
CA THR A 242 -11.18 -5.84 10.34
C THR A 242 -11.46 -5.50 8.86
N ILE A 243 -11.95 -6.45 8.08
CA ILE A 243 -12.19 -6.14 6.66
C ILE A 243 -13.67 -6.09 6.32
N GLU A 244 -14.50 -6.21 7.34
CA GLU A 244 -15.93 -5.92 7.12
CA GLU A 244 -15.93 -5.93 7.06
C GLU A 244 -16.30 -4.53 6.42
N PRO A 245 -15.65 -3.43 6.90
CA PRO A 245 -15.92 -2.13 6.25
C PRO A 245 -15.47 -2.13 4.79
N LEU A 246 -14.36 -2.79 4.52
CA LEU A 246 -13.91 -2.86 3.12
C LEU A 246 -14.91 -3.73 2.36
N ALA A 247 -15.39 -4.81 2.93
CA ALA A 247 -16.38 -5.69 2.25
C ALA A 247 -17.64 -4.88 1.89
N GLN A 248 -18.03 -3.98 2.75
CA GLN A 248 -19.21 -3.15 2.42
C GLN A 248 -18.84 -2.14 1.32
N GLU A 249 -17.65 -1.58 1.36
CA GLU A 249 -17.26 -0.58 0.35
C GLU A 249 -17.20 -1.27 -1.02
N LEU A 250 -16.67 -2.48 -1.11
CA LEU A 250 -16.54 -3.22 -2.41
C LEU A 250 -17.84 -3.96 -2.76
N ASP A 251 -18.74 -4.16 -1.79
CA ASP A 251 -19.88 -5.10 -1.92
C ASP A 251 -19.35 -6.47 -2.35
N GLN A 252 -18.39 -6.95 -1.59
CA GLN A 252 -17.72 -8.28 -1.81
CA GLN A 252 -17.71 -8.28 -1.80
C GLN A 252 -17.77 -9.19 -0.50
N LEU A 253 -17.95 -10.48 -0.73
CA LEU A 253 -17.98 -11.37 0.44
C LEU A 253 -16.55 -11.66 0.90
N ILE A 254 -16.43 -11.97 2.16
CA ILE A 254 -15.14 -12.37 2.77
C ILE A 254 -15.08 -13.90 2.75
N HIS A 255 -14.03 -14.47 2.19
CA HIS A 255 -13.85 -15.95 2.18
C HIS A 255 -13.12 -16.33 3.46
N ASN A 256 -13.66 -17.28 4.19
CA ASN A 256 -13.09 -17.74 5.46
C ASN A 256 -11.92 -18.69 5.20
N GLU A 257 -10.86 -18.57 6.01
CA GLU A 257 -9.60 -19.31 5.81
C GLU A 257 -9.19 -20.03 7.08
N PRO A 258 -9.70 -21.26 7.27
CA PRO A 258 -9.32 -22.07 8.42
C PRO A 258 -7.83 -22.38 8.50
N LEU A 259 -7.12 -22.39 7.38
CA LEU A 259 -5.69 -22.74 7.40
C LEU A 259 -4.81 -21.59 7.88
N LEU A 260 -5.34 -20.38 7.97
CA LEU A 260 -4.48 -19.19 8.25
C LEU A 260 -4.70 -18.67 9.67
N THR A 261 -5.27 -19.44 10.57
CA THR A 261 -5.33 -19.08 11.99
C THR A 261 -3.99 -19.39 12.66
N GLU A 262 -3.77 -18.81 13.83
CA GLU A 262 -2.53 -19.09 14.60
C GLU A 262 -2.42 -20.61 14.87
N GLU A 263 -3.51 -21.21 15.31
CA GLU A 263 -3.53 -22.65 15.67
C GLU A 263 -3.24 -23.53 14.45
N ALA A 264 -3.90 -23.25 13.35
CA ALA A 264 -3.65 -24.01 12.11
C ALA A 264 -2.22 -23.83 11.63
N TYR A 265 -1.74 -22.59 11.64
CA TYR A 265 -0.39 -22.25 11.15
C TYR A 265 0.64 -22.98 12.01
N ALA A 266 0.47 -22.94 13.31
CA ALA A 266 1.41 -23.59 14.27
C ALA A 266 1.48 -25.10 13.98
N ALA A 267 0.35 -25.71 13.64
CA ALA A 267 0.33 -27.19 13.47
C ALA A 267 0.72 -27.55 12.04
N ASP A 268 0.48 -26.69 11.05
CA ASP A 268 0.69 -27.05 9.64
C ASP A 268 1.05 -25.79 8.84
N HIS A 269 2.30 -25.35 8.96
CA HIS A 269 2.72 -24.09 8.28
C HIS A 269 2.79 -24.39 6.78
N LYS A 270 3.04 -25.63 6.33
CA LYS A 270 3.16 -25.91 4.89
C LYS A 270 1.80 -25.78 4.21
N ALA A 271 0.71 -26.16 4.88
CA ALA A 271 -0.66 -26.00 4.30
C ALA A 271 -0.93 -24.50 4.16
N ALA A 272 -0.47 -23.69 5.10
CA ALA A 272 -0.73 -22.23 5.08
C ALA A 272 0.05 -21.58 3.92
N ARG A 273 1.33 -21.89 3.78
CA ARG A 273 2.15 -21.38 2.65
C ARG A 273 1.46 -21.73 1.32
N LYS A 274 1.01 -22.95 1.19
CA LYS A 274 0.41 -23.37 -0.08
C LYS A 274 -0.88 -22.60 -0.33
N ARG A 275 -1.61 -22.32 0.72
CA ARG A 275 -2.89 -21.59 0.60
C ARG A 275 -2.60 -20.14 0.20
N LEU A 276 -1.60 -19.52 0.82
CA LEU A 276 -1.22 -18.13 0.45
C LEU A 276 -0.89 -18.06 -1.05
N LEU A 277 -0.08 -18.99 -1.55
CA LEU A 277 0.31 -18.97 -2.97
C LEU A 277 -0.92 -19.19 -3.85
N GLU A 278 -1.82 -20.04 -3.42
CA GLU A 278 -3.03 -20.27 -4.22
C GLU A 278 -3.85 -18.99 -4.29
N ILE A 279 -4.09 -18.34 -3.17
CA ILE A 279 -4.86 -17.07 -3.16
C ILE A 279 -4.15 -16.08 -4.08
N ALA A 280 -2.83 -16.00 -3.98
CA ALA A 280 -2.03 -15.00 -4.71
C ALA A 280 -2.15 -15.26 -6.23
N GLY A 281 -2.35 -16.51 -6.62
CA GLY A 281 -2.37 -16.86 -8.06
C GLY A 281 -3.70 -16.54 -8.71
N ARG A 282 -4.76 -16.31 -7.95
CA ARG A 282 -6.09 -15.97 -8.52
C ARG A 282 -6.13 -14.55 -9.08
N PRO A 283 -7.04 -14.27 -10.02
CA PRO A 283 -7.14 -12.92 -10.60
C PRO A 283 -7.52 -11.92 -9.51
N GLY A 284 -7.05 -10.69 -9.64
CA GLY A 284 -7.42 -9.61 -8.71
C GLY A 284 -6.35 -9.42 -7.65
N ASN A 285 -6.62 -8.49 -6.76
CA ASN A 285 -5.69 -8.08 -5.70
C ASN A 285 -6.35 -8.49 -4.38
N PRO A 286 -5.92 -9.63 -3.79
CA PRO A 286 -6.59 -10.08 -2.59
C PRO A 286 -6.08 -9.43 -1.30
N VAL A 287 -7.01 -9.20 -0.40
CA VAL A 287 -6.69 -8.86 1.02
C VAL A 287 -6.83 -10.14 1.84
N ILE A 288 -5.83 -10.40 2.67
CA ILE A 288 -5.84 -11.56 3.56
C ILE A 288 -5.64 -11.03 4.96
N CYS A 289 -6.66 -11.10 5.81
CA CYS A 289 -6.55 -10.64 7.20
C CYS A 289 -6.35 -11.83 8.12
N THR A 290 -5.25 -11.78 8.87
CA THR A 290 -4.86 -12.88 9.76
C THR A 290 -4.27 -12.35 11.07
N GLN A 291 -3.45 -13.18 11.69
CA GLN A 291 -3.03 -12.96 13.09
C GLN A 291 -1.54 -12.80 13.23
N GLY A 292 -1.16 -12.23 14.37
CA GLY A 292 0.24 -11.84 14.62
C GLY A 292 1.23 -12.97 14.56
N LYS A 293 0.88 -14.19 14.93
CA LYS A 293 1.86 -15.30 14.96
C LYS A 293 1.86 -16.00 13.62
N VAL A 294 1.05 -15.56 12.67
CA VAL A 294 1.04 -16.13 11.31
C VAL A 294 1.88 -15.28 10.35
N ILE A 295 1.70 -13.97 10.43
CA ILE A 295 2.17 -13.05 9.36
C ILE A 295 3.69 -13.06 9.26
N PRO A 296 4.48 -12.90 10.34
CA PRO A 296 5.93 -12.85 10.18
C PRO A 296 6.46 -14.11 9.50
N GLY A 297 5.93 -15.26 9.88
CA GLY A 297 6.35 -16.54 9.30
C GLY A 297 6.14 -16.55 7.81
N LEU A 298 4.94 -16.16 7.36
CA LEU A 298 4.61 -16.17 5.92
C LEU A 298 5.47 -15.14 5.20
N ILE A 299 5.52 -13.92 5.67
CA ILE A 299 6.27 -12.84 4.96
C ILE A 299 7.76 -13.22 4.88
N GLU A 300 8.35 -13.63 5.98
CA GLU A 300 9.82 -13.90 5.97
C GLU A 300 10.11 -15.06 5.03
N TRP A 301 9.26 -16.06 5.04
CA TRP A 301 9.43 -17.23 4.17
C TRP A 301 9.39 -16.76 2.73
N TRP A 302 8.41 -15.95 2.37
CA TRP A 302 8.27 -15.58 0.93
C TRP A 302 9.43 -14.66 0.53
N CYS A 303 9.79 -13.73 1.37
CA CYS A 303 10.91 -12.81 1.05
C CYS A 303 12.23 -13.58 0.95
N GLU A 304 12.50 -14.55 1.82
CA GLU A 304 13.75 -15.34 1.70
C GLU A 304 13.71 -16.15 0.38
N ARG A 305 12.59 -16.73 0.03
CA ARG A 305 12.48 -17.51 -1.21
C ARG A 305 12.73 -16.66 -2.45
N ALA A 306 12.18 -15.44 -2.46
CA ALA A 306 12.22 -14.56 -3.65
C ALA A 306 13.45 -13.65 -3.60
N LYS A 307 14.17 -13.65 -2.49
CA LYS A 307 15.32 -12.74 -2.37
C LYS A 307 14.84 -11.28 -2.40
N VAL A 308 13.78 -11.00 -1.68
CA VAL A 308 13.23 -9.63 -1.56
C VAL A 308 13.57 -9.09 -0.18
N ARG A 309 14.09 -7.88 -0.16
CA ARG A 309 14.50 -7.23 1.10
C ARG A 309 13.50 -6.14 1.46
N PRO A 310 12.67 -6.36 2.49
CA PRO A 310 11.75 -5.34 2.93
C PRO A 310 12.53 -4.14 3.44
N GLU A 311 12.13 -2.94 3.07
CA GLU A 311 12.81 -1.69 3.53
C GLU A 311 12.37 -1.36 4.94
N THR A 312 11.13 -1.72 5.29
CA THR A 312 10.58 -1.49 6.64
C THR A 312 10.03 -2.80 7.16
N THR A 313 9.84 -2.89 8.47
CA THR A 313 9.23 -4.10 9.03
C THR A 313 8.54 -3.79 10.35
N GLY A 314 7.68 -4.71 10.71
CA GLY A 314 6.86 -4.61 11.91
C GLY A 314 5.81 -5.69 11.86
N ASN A 315 4.91 -5.67 12.85
CA ASN A 315 3.84 -6.69 12.90
C ASN A 315 2.65 -6.16 13.72
N ARG A 316 2.40 -4.88 13.70
CA ARG A 316 1.44 -4.27 14.64
C ARG A 316 0.02 -4.67 14.21
N LYS A 317 -0.89 -4.66 15.16
CA LYS A 317 -2.31 -4.87 14.85
C LYS A 317 -2.76 -3.73 13.94
N GLY A 318 -3.42 -4.04 12.82
CA GLY A 318 -3.87 -3.01 11.88
C GLY A 318 -2.86 -2.72 10.78
N SER A 319 -1.70 -3.32 10.84
CA SER A 319 -0.62 -3.11 9.85
C SER A 319 -0.93 -3.90 8.58
N THR A 320 -0.30 -3.49 7.51
CA THR A 320 -0.46 -4.11 6.17
C THR A 320 0.89 -4.36 5.51
N TRP A 321 1.07 -5.56 5.01
CA TRP A 321 2.17 -5.90 4.09
C TRP A 321 1.62 -5.79 2.68
N VAL A 322 2.21 -4.94 1.86
CA VAL A 322 1.87 -4.88 0.42
C VAL A 322 2.86 -5.78 -0.32
N LEU A 323 2.39 -6.91 -0.80
CA LEU A 323 3.26 -7.83 -1.56
C LEU A 323 3.04 -7.61 -3.06
N SER A 324 4.09 -7.21 -3.77
CA SER A 324 3.97 -6.93 -5.21
C SER A 324 4.45 -8.14 -6.02
N LEU A 325 3.61 -8.62 -6.92
CA LEU A 325 3.91 -9.79 -7.75
C LEU A 325 3.93 -9.44 -9.24
N SER A 326 4.92 -10.04 -9.92
CA SER A 326 4.97 -9.95 -11.40
C SER A 326 5.21 -11.36 -11.95
N ASP A 327 4.24 -11.85 -12.71
CA ASP A 327 4.35 -13.18 -13.37
C ASP A 327 4.62 -14.24 -12.31
N GLY A 328 3.94 -14.11 -11.18
CA GLY A 328 4.08 -15.07 -10.06
C GLY A 328 5.27 -14.87 -9.14
N GLU A 329 6.11 -13.90 -9.42
CA GLU A 329 7.32 -13.68 -8.62
C GLU A 329 7.14 -12.48 -7.70
N LEU A 330 7.47 -12.66 -6.44
CA LEU A 330 7.45 -11.54 -5.49
C LEU A 330 8.56 -10.58 -5.89
N VAL A 331 8.24 -9.30 -6.04
CA VAL A 331 9.22 -8.23 -6.39
C VAL A 331 9.22 -7.09 -5.39
N GLY A 332 8.35 -7.11 -4.38
CA GLY A 332 8.36 -6.09 -3.33
C GLY A 332 7.58 -6.57 -2.14
N ALA A 333 8.03 -6.16 -0.96
CA ALA A 333 7.31 -6.45 0.30
C ALA A 333 7.40 -5.22 1.17
N ASP A 334 6.33 -4.45 1.24
CA ASP A 334 6.32 -3.11 1.85
C ASP A 334 5.41 -3.10 3.09
N TYR A 335 6.02 -2.91 4.26
CA TYR A 335 5.26 -2.88 5.52
C TYR A 335 4.72 -1.49 5.77
N LEU A 336 3.43 -1.39 6.00
CA LEU A 336 2.72 -0.16 6.35
C LEU A 336 2.27 -0.27 7.81
N SER A 337 2.57 0.77 8.56
CA SER A 337 2.13 0.85 9.96
CA SER A 337 2.12 0.95 9.95
C SER A 337 0.61 0.90 10.00
N PRO A 338 0.01 0.61 11.18
CA PRO A 338 -1.43 0.79 11.33
C PRO A 338 -1.84 2.21 10.97
N PRO A 339 -3.08 2.43 10.49
CA PRO A 339 -3.49 3.73 9.99
C PRO A 339 -3.53 4.81 11.09
N ASP A 340 -3.55 4.41 12.37
CA ASP A 340 -3.62 5.38 13.50
C ASP A 340 -2.27 5.47 14.21
N GLU A 341 -1.19 5.01 13.59
CA GLU A 341 0.19 5.05 14.14
C GLU A 341 1.16 5.63 13.10
N LYS A 342 2.26 6.24 13.54
CA LYS A 342 3.27 6.81 12.59
C LYS A 342 2.98 8.28 12.37
PB GDP B . 5.17 23.66 -1.07
O1B GDP B . 5.63 24.20 -2.36
O2B GDP B . 3.99 22.84 -1.20
O3B GDP B . 5.03 24.66 -0.01
O3A GDP B . 6.31 22.72 -0.58
PA GDP B . 7.45 22.10 -1.40
O1A GDP B . 7.03 21.69 -2.76
O2A GDP B . 8.09 21.06 -0.59
O5' GDP B . 8.60 23.22 -1.57
C5' GDP B . 9.25 23.78 -0.45
C4' GDP B . 10.70 24.13 -0.79
O4' GDP B . 11.40 22.94 -1.14
C3' GDP B . 10.84 25.00 -2.01
O3' GDP B . 12.08 25.74 -1.93
C2' GDP B . 11.02 24.01 -3.11
O2' GDP B . 11.64 24.56 -4.25
C1' GDP B . 11.87 22.95 -2.47
N9 GDP B . 11.50 21.64 -3.04
C8 GDP B . 10.35 21.19 -3.49
N7 GDP B . 10.45 19.94 -3.92
C5 GDP B . 11.70 19.57 -3.71
C6 GDP B . 12.51 18.37 -3.91
O6 GDP B . 12.05 17.34 -4.42
N1 GDP B . 13.75 18.44 -3.53
C2 GDP B . 14.29 19.54 -3.04
N2 GDP B . 15.58 19.50 -2.72
N3 GDP B . 13.64 20.66 -2.81
C4 GDP B . 12.36 20.71 -3.14
P1 POP C . -3.50 -12.06 17.51
O1 POP C . -2.82 -11.28 16.46
O2 POP C . -4.76 -12.58 17.07
O3 POP C . -2.70 -13.01 18.16
O POP C . -3.79 -10.88 18.59
P2 POP C . -4.79 -10.85 19.85
O4 POP C . -5.03 -12.21 20.28
O5 POP C . -3.92 -10.15 20.81
O6 POP C . -5.94 -10.08 19.57
C1 EDO D . 0.93 -8.68 19.72
O1 EDO D . -0.07 -9.50 20.22
C2 EDO D . 2.14 -9.39 19.79
O2 EDO D . 2.76 -9.56 18.57
C1 EDO E . -2.63 -4.12 -9.72
O1 EDO E . -3.88 -3.56 -9.85
C2 EDO E . -1.88 -3.56 -8.64
O2 EDO E . -0.95 -2.61 -8.93
MG MG F . 8.85 20.94 -2.27
#